data_3M47
#
_entry.id   3M47
#
_cell.length_a   56.905
_cell.length_b   56.908
_cell.length_c   125.452
_cell.angle_alpha   90.00
_cell.angle_beta   90.00
_cell.angle_gamma   90.00
#
_symmetry.space_group_name_H-M   'P 21 21 21'
#
loop_
_entity.id
_entity.type
_entity.pdbx_description
1 polymer "Orotidine 5'-phosphate decarboxylase"
2 non-polymer GLYCEROL
3 water water
#
_entity_poly.entity_id   1
_entity_poly.type   'polypeptide(L)'
_entity_poly.pdbx_seq_one_letter_code
;MRSRRVDVMDVMNRLILAMDLMNRDDALRVTGEVREYIDTVKIGYPLVLSEGMDIIAEFRKRFGCRIIADFKVADIPETN
EKICRATFKAGADAIIVHGFPGADSVRACLNVAEEMGREVFLLTEMSHPGAEMFIQGAADEIARMGVDLGVKNYVGPSTR
PERLSRLREIIGQDSFLISPGVGAQGGDPGETLRFADAIIVGRSIYLADNPAAAAAGAIESIKDLLNP
;
_entity_poly.pdbx_strand_id   A,B
#
loop_
_chem_comp.id
_chem_comp.type
_chem_comp.name
_chem_comp.formula
GOL non-polymer GLYCEROL 'C3 H8 O3'
#
# COMPACT_ATOMS: atom_id res chain seq x y z
N ARG A 5 10.10 -25.26 12.26
CA ARG A 5 11.08 -25.43 11.18
C ARG A 5 12.25 -24.48 11.41
N VAL A 6 13.47 -25.02 11.38
CA VAL A 6 14.67 -24.23 11.74
C VAL A 6 14.91 -23.01 10.84
N ASP A 7 14.59 -23.14 9.55
CA ASP A 7 14.95 -22.12 8.57
C ASP A 7 13.94 -20.97 8.43
N VAL A 8 12.87 -21.01 9.23
CA VAL A 8 11.93 -19.90 9.25
C VAL A 8 11.84 -19.36 10.66
N MET A 9 11.31 -18.15 10.79
CA MET A 9 11.32 -17.44 12.07
C MET A 9 10.61 -18.17 13.21
N ASP A 10 11.20 -18.06 14.39
CA ASP A 10 10.59 -18.56 15.61
C ASP A 10 9.79 -17.41 16.22
N VAL A 11 8.49 -17.60 16.35
CA VAL A 11 7.62 -16.62 17.00
C VAL A 11 7.28 -17.10 18.39
N MET A 12 7.64 -16.31 19.41
CA MET A 12 7.42 -16.74 20.79
C MET A 12 5.95 -17.01 21.07
N ASN A 13 5.68 -18.18 21.66
CA ASN A 13 4.31 -18.57 21.99
C ASN A 13 3.33 -18.63 20.82
N ARG A 14 3.85 -18.59 19.60
CA ARG A 14 3.02 -18.70 18.38
C ARG A 14 1.96 -17.61 18.30
N LEU A 15 2.25 -16.45 18.88
CA LEU A 15 1.29 -15.36 18.99
C LEU A 15 1.90 -14.06 18.52
N ILE A 16 1.35 -13.49 17.45
CA ILE A 16 1.81 -12.20 16.95
C ILE A 16 0.85 -11.10 17.35
N LEU A 17 1.36 -10.06 17.98
CA LEU A 17 0.51 -8.95 18.37
C LEU A 17 0.30 -8.03 17.17
N ALA A 18 -0.94 -7.85 16.76
CA ALA A 18 -1.27 -6.85 15.75
C ALA A 18 -1.47 -5.53 16.47
N MET A 19 -0.42 -4.71 16.49
CA MET A 19 -0.47 -3.45 17.24
C MET A 19 -1.00 -2.35 16.34
N ASP A 20 -2.32 -2.25 16.29
CA ASP A 20 -3.00 -1.39 15.32
C ASP A 20 -3.41 -0.02 15.88
N LEU A 21 -3.03 0.25 17.12
CA LEU A 21 -3.24 1.57 17.70
C LEU A 21 -2.43 2.62 16.94
N MET A 22 -2.96 3.83 16.84
CA MET A 22 -2.38 4.84 15.98
C MET A 22 -1.59 5.93 16.68
N ASN A 23 -1.65 5.97 17.99
CA ASN A 23 -0.80 6.92 18.67
C ASN A 23 0.32 6.24 19.43
N ARG A 24 1.49 6.85 19.37
CA ARG A 24 2.71 6.25 19.86
C ARG A 24 2.65 5.90 21.34
N ASP A 25 2.13 6.81 22.16
CA ASP A 25 2.02 6.55 23.59
C ASP A 25 1.23 5.28 23.90
N ASP A 26 0.03 5.17 23.34
CA ASP A 26 -0.81 4.00 23.57
C ASP A 26 -0.16 2.74 23.04
N ALA A 27 0.41 2.82 21.84
CA ALA A 27 1.00 1.64 21.21
C ALA A 27 2.15 1.10 22.04
N LEU A 28 3.05 1.99 22.45
CA LEU A 28 4.17 1.60 23.30
C LEU A 28 3.70 1.12 24.68
N ARG A 29 2.72 1.81 25.27
CA ARG A 29 2.21 1.40 26.58
C ARG A 29 1.70 -0.05 26.54
N VAL A 30 0.77 -0.32 25.63
CA VAL A 30 0.21 -1.66 25.49
C VAL A 30 1.24 -2.74 25.17
N THR A 31 2.18 -2.44 24.28
CA THR A 31 3.18 -3.42 23.84
C THR A 31 4.20 -3.84 24.92
N GLY A 32 4.75 -2.86 25.64
CA GLY A 32 5.71 -3.15 26.68
C GLY A 32 5.17 -4.16 27.68
N GLU A 33 3.89 -4.00 27.98
CA GLU A 33 3.23 -4.85 28.97
C GLU A 33 3.02 -6.29 28.55
N VAL A 34 3.31 -6.61 27.29
CA VAL A 34 3.07 -7.97 26.82
C VAL A 34 4.34 -8.62 26.32
N ARG A 35 5.47 -7.91 26.40
CA ARG A 35 6.71 -8.40 25.82
C ARG A 35 7.16 -9.73 26.43
N GLU A 36 6.68 -10.01 27.64
CA GLU A 36 7.00 -11.27 28.29
C GLU A 36 6.30 -12.42 27.58
N TYR A 37 5.22 -12.10 26.89
CA TYR A 37 4.37 -13.10 26.26
C TYR A 37 4.53 -13.14 24.75
N ILE A 38 4.96 -12.01 24.19
CA ILE A 38 5.07 -11.88 22.75
C ILE A 38 6.45 -11.36 22.41
N ASP A 39 7.06 -11.88 21.34
CA ASP A 39 8.30 -11.29 20.86
C ASP A 39 8.21 -10.80 19.41
N THR A 40 7.02 -10.91 18.82
CA THR A 40 6.80 -10.51 17.44
C THR A 40 5.60 -9.60 17.33
N VAL A 41 5.81 -8.42 16.76
CA VAL A 41 4.74 -7.43 16.68
C VAL A 41 4.57 -6.99 15.23
N LYS A 42 3.31 -6.97 14.78
CA LYS A 42 2.98 -6.49 13.45
C LYS A 42 2.48 -5.05 13.54
N ILE A 43 3.07 -4.15 12.76
CA ILE A 43 2.60 -2.77 12.74
C ILE A 43 2.26 -2.38 11.31
N GLY A 44 1.30 -1.49 11.16
CA GLY A 44 0.85 -1.08 9.85
C GLY A 44 0.99 0.39 9.59
N TYR A 45 0.47 0.83 8.45
CA TYR A 45 0.60 2.22 8.06
C TYR A 45 -0.06 3.26 8.99
N PRO A 46 -1.23 2.97 9.56
CA PRO A 46 -1.81 4.03 10.39
C PRO A 46 -0.85 4.53 11.48
N LEU A 47 -0.19 3.61 12.16
CA LEU A 47 0.78 4.01 13.18
C LEU A 47 2.02 4.68 12.58
N VAL A 48 2.63 4.06 11.58
CA VAL A 48 3.87 4.63 11.06
C VAL A 48 3.65 5.96 10.33
N LEU A 49 2.52 6.10 9.64
CA LEU A 49 2.24 7.37 8.99
C LEU A 49 1.94 8.47 10.00
N SER A 50 1.32 8.09 11.11
CA SER A 50 0.96 9.06 12.14
C SER A 50 2.15 9.47 12.99
N GLU A 51 3.02 8.50 13.29
CA GLU A 51 4.09 8.73 14.25
C GLU A 51 5.52 8.72 13.67
N GLY A 52 5.67 8.28 12.43
CA GLY A 52 6.98 8.21 11.81
C GLY A 52 7.55 6.80 11.81
N MET A 53 8.36 6.50 10.80
CA MET A 53 8.96 5.18 10.69
C MET A 53 9.98 4.91 11.78
N ASP A 54 10.42 5.95 12.47
CA ASP A 54 11.35 5.76 13.57
C ASP A 54 10.74 4.92 14.68
N ILE A 55 9.42 4.80 14.68
CA ILE A 55 8.77 4.01 15.72
C ILE A 55 9.15 2.53 15.61
N ILE A 56 9.55 2.09 14.42
CA ILE A 56 9.94 0.70 14.27
C ILE A 56 11.17 0.39 15.13
N ALA A 57 12.21 1.20 14.98
CA ALA A 57 13.42 1.00 15.77
C ALA A 57 13.12 1.14 17.26
N GLU A 58 12.14 1.98 17.59
CA GLU A 58 11.76 2.16 18.99
C GLU A 58 11.18 0.88 19.59
N PHE A 59 10.29 0.21 18.87
CA PHE A 59 9.76 -1.05 19.33
C PHE A 59 10.87 -2.06 19.57
N ARG A 60 11.76 -2.20 18.60
CA ARG A 60 12.80 -3.20 18.70
C ARG A 60 13.75 -2.94 19.87
N LYS A 61 14.09 -1.68 20.10
CA LYS A 61 14.96 -1.33 21.22
C LYS A 61 14.26 -1.45 22.58
N ARG A 62 13.04 -0.97 22.66
CA ARG A 62 12.37 -0.96 23.96
C ARG A 62 11.90 -2.35 24.39
N PHE A 63 11.61 -3.21 23.42
CA PHE A 63 11.01 -4.50 23.75
C PHE A 63 11.82 -5.70 23.26
N GLY A 64 12.81 -5.45 22.43
CA GLY A 64 13.59 -6.52 21.80
C GLY A 64 12.75 -7.40 20.89
N CYS A 65 11.70 -6.85 20.32
CA CYS A 65 10.81 -7.64 19.49
C CYS A 65 11.18 -7.58 18.00
N ARG A 66 10.74 -8.62 17.30
CA ARG A 66 10.75 -8.65 15.85
C ARG A 66 9.60 -7.78 15.37
N ILE A 67 9.81 -7.06 14.28
CA ILE A 67 8.78 -6.22 13.70
C ILE A 67 8.44 -6.71 12.29
N ILE A 68 7.16 -7.01 12.09
CA ILE A 68 6.63 -7.25 10.75
C ILE A 68 5.87 -6.02 10.28
N ALA A 69 6.30 -5.43 9.17
CA ALA A 69 5.66 -4.26 8.60
C ALA A 69 4.52 -4.67 7.68
N ASP A 70 3.29 -4.46 8.13
CA ASP A 70 2.12 -4.87 7.37
C ASP A 70 1.77 -3.75 6.41
N PHE A 71 2.55 -3.64 5.34
CA PHE A 71 2.43 -2.52 4.45
C PHE A 71 1.71 -2.90 3.17
N LYS A 72 1.34 -4.18 3.05
CA LYS A 72 0.63 -4.66 1.87
C LYS A 72 1.13 -4.04 0.57
N VAL A 73 2.43 -4.22 0.34
CA VAL A 73 3.10 -3.56 -0.76
C VAL A 73 2.47 -3.98 -2.10
N ALA A 74 2.11 -3.00 -2.95
CA ALA A 74 1.27 -3.30 -4.10
C ALA A 74 1.52 -2.34 -5.25
N ASP A 75 2.80 -2.11 -5.52
CA ASP A 75 3.18 -1.17 -6.57
C ASP A 75 3.93 -1.90 -7.69
N ILE A 76 4.46 -1.11 -8.64
CA ILE A 76 5.30 -1.66 -9.70
C ILE A 76 6.62 -2.10 -9.09
N PRO A 77 7.38 -2.94 -9.80
CA PRO A 77 8.61 -3.45 -9.20
C PRO A 77 9.57 -2.39 -8.66
N GLU A 78 9.87 -1.35 -9.44
CA GLU A 78 10.88 -0.41 -9.01
C GLU A 78 10.45 0.31 -7.72
N THR A 79 9.17 0.62 -7.63
CA THR A 79 8.67 1.28 -6.44
C THR A 79 8.62 0.32 -5.27
N ASN A 80 8.23 -0.94 -5.53
CA ASN A 80 8.27 -1.93 -4.46
C ASN A 80 9.66 -2.07 -3.85
N GLU A 81 10.69 -2.08 -4.70
CA GLU A 81 12.06 -2.16 -4.23
C GLU A 81 12.34 -1.05 -3.24
N LYS A 82 11.93 0.15 -3.61
CA LYS A 82 12.24 1.31 -2.78
C LYS A 82 11.47 1.32 -1.47
N ILE A 83 10.21 0.87 -1.51
CA ILE A 83 9.42 0.75 -0.30
C ILE A 83 10.06 -0.26 0.64
N CYS A 84 10.45 -1.41 0.10
CA CYS A 84 11.08 -2.42 0.93
C CYS A 84 12.41 -1.94 1.51
N ARG A 85 13.19 -1.26 0.68
CA ARG A 85 14.50 -0.80 1.15
C ARG A 85 14.33 0.19 2.29
N ALA A 86 13.40 1.14 2.14
CA ALA A 86 13.17 2.14 3.19
C ALA A 86 12.67 1.48 4.46
N THR A 87 11.83 0.46 4.31
CA THR A 87 11.24 -0.20 5.45
C THR A 87 12.25 -1.07 6.24
N PHE A 88 13.10 -1.79 5.49
CA PHE A 88 14.17 -2.53 6.12
C PHE A 88 15.25 -1.61 6.73
N LYS A 89 15.53 -0.50 6.05
CA LYS A 89 16.51 0.42 6.61
C LYS A 89 16.00 0.93 7.96
N ALA A 90 14.70 1.13 8.08
CA ALA A 90 14.10 1.57 9.34
C ALA A 90 14.09 0.48 10.41
N GLY A 91 14.53 -0.73 10.05
CA GLY A 91 14.67 -1.80 11.01
C GLY A 91 13.69 -2.95 10.96
N ALA A 92 12.70 -2.89 10.06
CA ALA A 92 11.73 -3.98 10.01
C ALA A 92 12.41 -5.30 9.71
N ASP A 93 12.00 -6.35 10.41
CA ASP A 93 12.52 -7.68 10.18
C ASP A 93 11.86 -8.33 8.96
N ALA A 94 10.61 -7.94 8.69
CA ALA A 94 9.84 -8.52 7.58
C ALA A 94 8.82 -7.53 7.06
N ILE A 95 8.33 -7.77 5.85
CA ILE A 95 7.34 -6.91 5.23
C ILE A 95 6.31 -7.80 4.53
N ILE A 96 5.05 -7.39 4.60
CA ILE A 96 3.95 -8.13 3.97
C ILE A 96 3.64 -7.47 2.63
N VAL A 97 3.58 -8.28 1.58
CA VAL A 97 3.48 -7.85 0.19
CA VAL A 97 3.38 -7.77 0.24
C VAL A 97 2.24 -8.49 -0.46
N HIS A 98 1.50 -7.74 -1.26
CA HIS A 98 0.42 -8.30 -2.07
C HIS A 98 0.97 -9.13 -3.23
N GLY A 99 0.26 -10.18 -3.58
CA GLY A 99 0.58 -10.92 -4.78
C GLY A 99 -0.23 -10.52 -6.01
N PHE A 100 -1.35 -9.82 -5.84
CA PHE A 100 -2.17 -9.55 -7.01
CA PHE A 100 -2.21 -9.46 -6.97
C PHE A 100 -1.47 -8.72 -8.10
N PRO A 101 -0.50 -7.86 -7.73
CA PRO A 101 0.21 -7.18 -8.82
C PRO A 101 1.19 -8.04 -9.61
N GLY A 102 1.30 -9.33 -9.28
CA GLY A 102 2.09 -10.22 -10.11
C GLY A 102 3.50 -10.56 -9.66
N ALA A 103 4.15 -11.42 -10.43
CA ALA A 103 5.40 -12.04 -10.02
C ALA A 103 6.56 -11.06 -9.95
N ASP A 104 6.66 -10.15 -10.92
CA ASP A 104 7.81 -9.27 -10.92
C ASP A 104 7.72 -8.30 -9.74
N SER A 105 6.52 -7.92 -9.36
CA SER A 105 6.36 -7.04 -8.22
C SER A 105 6.75 -7.76 -6.93
N VAL A 106 6.41 -9.04 -6.83
CA VAL A 106 6.85 -9.78 -5.65
C VAL A 106 8.36 -9.98 -5.66
N ARG A 107 8.91 -10.32 -6.82
CA ARG A 107 10.33 -10.59 -6.91
C ARG A 107 11.18 -9.39 -6.51
N ALA A 108 10.72 -8.20 -6.87
CA ALA A 108 11.41 -6.98 -6.50
C ALA A 108 11.60 -6.91 -4.98
N CYS A 109 10.59 -7.34 -4.24
CA CYS A 109 10.65 -7.34 -2.79
C CYS A 109 11.61 -8.40 -2.29
N LEU A 110 11.52 -9.59 -2.88
CA LEU A 110 12.40 -10.69 -2.51
C LEU A 110 13.85 -10.31 -2.74
N ASN A 111 14.12 -9.58 -3.82
CA ASN A 111 15.49 -9.17 -4.11
C ASN A 111 16.07 -8.32 -2.98
N VAL A 112 15.31 -7.33 -2.53
CA VAL A 112 15.78 -6.45 -1.47
C VAL A 112 15.92 -7.19 -0.15
N ALA A 113 14.94 -8.05 0.15
CA ALA A 113 15.01 -8.87 1.36
C ALA A 113 16.27 -9.74 1.40
N GLU A 114 16.60 -10.35 0.27
CA GLU A 114 17.80 -11.19 0.24
C GLU A 114 19.07 -10.37 0.43
N GLU A 115 19.14 -9.23 -0.25
CA GLU A 115 20.24 -8.29 -0.09
C GLU A 115 20.43 -7.88 1.36
N MET A 116 19.33 -7.57 2.04
CA MET A 116 19.43 -6.97 3.37
C MET A 116 19.28 -7.96 4.52
N GLY A 117 19.08 -9.23 4.19
CA GLY A 117 18.93 -10.28 5.20
C GLY A 117 17.61 -10.21 5.94
N ARG A 118 16.55 -9.84 5.24
CA ARG A 118 15.23 -9.72 5.86
C ARG A 118 14.24 -10.64 5.16
N GLU A 119 12.96 -10.55 5.54
CA GLU A 119 11.98 -11.51 5.05
C GLU A 119 10.78 -10.86 4.39
N VAL A 120 10.25 -11.56 3.39
CA VAL A 120 9.03 -11.15 2.73
C VAL A 120 7.92 -12.14 3.06
N PHE A 121 6.77 -11.61 3.47
CA PHE A 121 5.56 -12.42 3.62
C PHE A 121 4.64 -12.15 2.44
N LEU A 122 4.18 -13.20 1.78
CA LEU A 122 3.22 -13.02 0.69
C LEU A 122 1.79 -13.12 1.22
N LEU A 123 1.01 -12.07 0.99
CA LEU A 123 -0.40 -12.07 1.37
C LEU A 123 -1.20 -12.77 0.28
N THR A 124 -1.74 -13.94 0.60
CA THR A 124 -2.36 -14.75 -0.44
C THR A 124 -3.85 -14.46 -0.61
N GLU A 125 -4.48 -13.91 0.42
CA GLU A 125 -5.92 -13.73 0.42
C GLU A 125 -6.29 -12.76 1.54
N MET A 126 -7.50 -12.23 1.48
CA MET A 126 -8.02 -11.36 2.53
C MET A 126 -9.40 -11.85 2.88
N SER A 127 -9.88 -11.44 4.06
CA SER A 127 -11.12 -11.99 4.61
C SER A 127 -12.30 -11.03 4.70
N HIS A 128 -12.09 -9.77 4.33
CA HIS A 128 -13.19 -8.80 4.40
C HIS A 128 -14.17 -9.07 3.26
N PRO A 129 -15.45 -8.63 3.40
CA PRO A 129 -16.45 -9.03 2.41
C PRO A 129 -16.06 -8.77 0.97
N GLY A 130 -15.50 -7.58 0.72
CA GLY A 130 -15.11 -7.22 -0.63
C GLY A 130 -14.08 -8.13 -1.28
N ALA A 131 -13.40 -8.95 -0.48
CA ALA A 131 -12.38 -9.85 -1.00
C ALA A 131 -12.96 -10.87 -1.98
N GLU A 132 -14.27 -11.10 -1.91
CA GLU A 132 -14.89 -12.03 -2.85
C GLU A 132 -14.81 -11.58 -4.31
N MET A 133 -14.74 -10.27 -4.53
CA MET A 133 -14.85 -9.78 -5.90
C MET A 133 -13.70 -10.23 -6.79
N PHE A 134 -12.46 -10.10 -6.29
CA PHE A 134 -11.29 -10.40 -7.11
C PHE A 134 -10.25 -11.24 -6.37
N ILE A 135 -10.10 -11.00 -5.08
CA ILE A 135 -9.03 -11.65 -4.32
C ILE A 135 -9.24 -13.14 -4.09
N GLN A 136 -10.44 -13.51 -3.68
CA GLN A 136 -10.72 -14.92 -3.40
C GLN A 136 -10.41 -15.81 -4.60
N GLY A 137 -10.86 -15.39 -5.78
CA GLY A 137 -10.62 -16.18 -6.98
C GLY A 137 -9.18 -16.27 -7.42
N ALA A 138 -8.34 -15.39 -6.90
CA ALA A 138 -6.92 -15.36 -7.27
C ALA A 138 -6.03 -16.04 -6.24
N ALA A 139 -6.59 -16.36 -5.08
CA ALA A 139 -5.79 -16.77 -3.94
C ALA A 139 -4.92 -18.00 -4.21
N ASP A 140 -5.51 -19.06 -4.75
CA ASP A 140 -4.72 -20.26 -5.00
C ASP A 140 -3.57 -19.98 -5.97
N GLU A 141 -3.84 -19.24 -7.03
CA GLU A 141 -2.81 -18.95 -8.02
C GLU A 141 -1.73 -18.05 -7.42
N ILE A 142 -2.13 -17.12 -6.55
CA ILE A 142 -1.14 -16.28 -5.88
C ILE A 142 -0.24 -17.11 -4.98
N ALA A 143 -0.83 -18.04 -4.22
CA ALA A 143 -0.05 -18.91 -3.38
C ALA A 143 0.93 -19.72 -4.22
N ARG A 144 0.46 -20.27 -5.34
CA ARG A 144 1.33 -21.05 -6.21
C ARG A 144 2.45 -20.19 -6.79
N MET A 145 2.12 -18.96 -7.12
CA MET A 145 3.14 -18.02 -7.61
C MET A 145 4.24 -17.86 -6.56
N GLY A 146 3.84 -17.66 -5.31
CA GLY A 146 4.79 -17.59 -4.21
C GLY A 146 5.70 -18.80 -4.14
N VAL A 147 5.10 -19.98 -4.17
CA VAL A 147 5.87 -21.21 -4.11
C VAL A 147 6.89 -21.28 -5.25
N ASP A 148 6.45 -20.90 -6.44
CA ASP A 148 7.30 -21.00 -7.61
C ASP A 148 8.47 -20.03 -7.53
N LEU A 149 8.30 -18.96 -6.74
CA LEU A 149 9.31 -17.91 -6.56
C LEU A 149 10.20 -18.19 -5.36
N GLY A 150 9.94 -19.26 -4.64
CA GLY A 150 10.69 -19.57 -3.44
C GLY A 150 10.30 -18.79 -2.20
N VAL A 151 9.11 -18.19 -2.20
CA VAL A 151 8.60 -17.53 -1.00
C VAL A 151 8.47 -18.55 0.13
N LYS A 152 8.93 -18.17 1.32
CA LYS A 152 8.91 -19.06 2.48
C LYS A 152 7.96 -18.59 3.58
N ASN A 153 7.38 -17.41 3.43
CA ASN A 153 6.51 -16.84 4.45
C ASN A 153 5.22 -16.35 3.82
N TYR A 154 4.09 -16.76 4.42
CA TYR A 154 2.78 -16.45 3.88
C TYR A 154 1.82 -15.93 4.94
N VAL A 155 0.93 -15.03 4.51
CA VAL A 155 -0.16 -14.60 5.36
C VAL A 155 -1.45 -15.11 4.74
N GLY A 156 -2.23 -15.87 5.50
CA GLY A 156 -3.46 -16.46 5.01
C GLY A 156 -4.76 -15.82 5.46
N PRO A 157 -5.90 -16.38 5.02
CA PRO A 157 -7.21 -15.79 5.30
C PRO A 157 -7.50 -15.82 6.79
N SER A 158 -8.11 -14.76 7.30
CA SER A 158 -8.55 -14.74 8.69
C SER A 158 -9.47 -15.93 8.96
N THR A 159 -10.59 -15.95 8.26
CA THR A 159 -11.63 -16.95 8.48
C THR A 159 -11.54 -18.16 7.53
N ARG A 160 -12.33 -19.19 7.83
CA ARG A 160 -12.41 -20.42 7.03
C ARG A 160 -11.23 -21.37 7.23
N PRO A 161 -11.33 -22.25 8.24
CA PRO A 161 -10.38 -23.34 8.48
C PRO A 161 -9.96 -24.08 7.21
N GLU A 162 -10.95 -24.53 6.42
CA GLU A 162 -10.69 -25.27 5.19
C GLU A 162 -9.89 -24.49 4.15
N ARG A 163 -9.85 -23.17 4.30
CA ARG A 163 -9.02 -22.34 3.42
C ARG A 163 -7.55 -22.46 3.81
N LEU A 164 -7.31 -22.55 5.12
CA LEU A 164 -5.95 -22.73 5.62
C LEU A 164 -5.36 -24.08 5.20
N SER A 165 -6.17 -25.13 5.22
CA SER A 165 -5.64 -26.44 4.85
C SER A 165 -5.29 -26.43 3.38
N ARG A 166 -6.10 -25.73 2.59
CA ARG A 166 -5.86 -25.61 1.17
C ARG A 166 -4.57 -24.84 0.91
N LEU A 167 -4.40 -23.74 1.63
CA LEU A 167 -3.19 -22.93 1.54
C LEU A 167 -1.98 -23.78 1.93
N ARG A 168 -2.09 -24.47 3.06
CA ARG A 168 -1.01 -25.30 3.56
C ARG A 168 -0.66 -26.38 2.53
N GLU A 169 -1.68 -26.95 1.90
CA GLU A 169 -1.48 -27.90 0.80
C GLU A 169 -0.62 -27.30 -0.31
N ILE A 170 -0.93 -26.07 -0.72
CA ILE A 170 -0.22 -25.45 -1.83
C ILE A 170 1.22 -25.12 -1.45
N ILE A 171 1.41 -24.55 -0.26
CA ILE A 171 2.72 -24.02 0.11
C ILE A 171 3.66 -25.08 0.68
N GLY A 172 3.12 -26.25 1.00
CA GLY A 172 3.93 -27.32 1.57
C GLY A 172 4.02 -27.21 3.08
N GLN A 173 4.60 -28.23 3.70
CA GLN A 173 4.57 -28.34 5.14
C GLN A 173 5.66 -27.54 5.86
N ASP A 174 6.62 -27.00 5.12
CA ASP A 174 7.76 -26.33 5.77
C ASP A 174 7.71 -24.81 5.81
N SER A 175 7.06 -24.23 4.80
CA SER A 175 6.91 -22.77 4.78
C SER A 175 6.18 -22.25 6.01
N PHE A 176 6.40 -20.99 6.30
CA PHE A 176 5.84 -20.34 7.49
C PHE A 176 4.54 -19.65 7.12
N LEU A 177 3.50 -19.94 7.89
CA LEU A 177 2.18 -19.39 7.62
C LEU A 177 1.63 -18.74 8.87
N ILE A 178 1.19 -17.49 8.76
CA ILE A 178 0.53 -16.82 9.86
C ILE A 178 -0.89 -16.43 9.46
N SER A 179 -1.80 -16.47 10.43
CA SER A 179 -3.21 -16.18 10.18
C SER A 179 -3.85 -15.53 11.40
N PRO A 180 -4.95 -14.80 11.22
CA PRO A 180 -5.69 -14.28 12.38
C PRO A 180 -6.71 -15.27 12.94
N GLY A 190 -6.67 -22.26 17.57
CA GLY A 190 -7.05 -23.58 18.05
C GLY A 190 -7.03 -24.59 16.93
N GLU A 191 -8.04 -24.51 16.07
CA GLU A 191 -8.03 -25.25 14.82
C GLU A 191 -7.00 -24.60 13.91
N THR A 192 -6.87 -23.29 14.03
CA THR A 192 -5.98 -22.52 13.17
C THR A 192 -4.53 -22.99 13.26
N LEU A 193 -4.06 -23.30 14.46
CA LEU A 193 -2.67 -23.69 14.65
C LEU A 193 -2.37 -25.13 14.23
N ARG A 194 -3.38 -25.80 13.68
CA ARG A 194 -3.15 -27.07 13.01
C ARG A 194 -2.50 -26.83 11.64
N PHE A 195 -2.70 -25.63 11.08
CA PHE A 195 -2.20 -25.32 9.74
C PHE A 195 -1.24 -24.14 9.75
N ALA A 196 -1.55 -23.12 10.55
CA ALA A 196 -0.69 -21.94 10.66
C ALA A 196 0.34 -22.13 11.76
N ASP A 197 1.48 -21.49 11.59
CA ASP A 197 2.56 -21.60 12.56
C ASP A 197 2.38 -20.62 13.71
N ALA A 198 1.72 -19.50 13.45
CA ALA A 198 1.44 -18.52 14.49
C ALA A 198 0.12 -17.84 14.18
N ILE A 199 -0.57 -17.37 15.21
CA ILE A 199 -1.79 -16.62 15.04
C ILE A 199 -1.58 -15.14 15.34
N ILE A 200 -2.29 -14.29 14.61
CA ILE A 200 -2.24 -12.86 14.80
C ILE A 200 -3.43 -12.41 15.64
N VAL A 201 -3.16 -11.70 16.74
CA VAL A 201 -4.22 -11.25 17.62
C VAL A 201 -4.08 -9.74 17.87
N GLY A 202 -5.18 -9.02 17.77
CA GLY A 202 -5.12 -7.57 17.90
C GLY A 202 -6.01 -7.04 19.01
N ARG A 203 -7.24 -6.66 18.65
CA ARG A 203 -8.17 -6.02 19.59
C ARG A 203 -8.35 -6.77 20.90
N SER A 204 -8.51 -8.09 20.82
CA SER A 204 -8.64 -8.94 22.00
C SER A 204 -7.64 -8.55 23.07
N ILE A 205 -6.46 -8.14 22.63
CA ILE A 205 -5.38 -7.80 23.55
C ILE A 205 -5.26 -6.30 23.78
N TYR A 206 -5.12 -5.53 22.70
CA TYR A 206 -4.81 -4.10 22.87
C TYR A 206 -6.00 -3.24 23.33
N LEU A 207 -7.21 -3.77 23.23
CA LEU A 207 -8.37 -3.06 23.78
C LEU A 207 -8.81 -3.68 25.10
N ALA A 208 -7.96 -4.53 25.67
CA ALA A 208 -8.25 -5.17 26.95
C ALA A 208 -7.83 -4.29 28.12
N ASP A 209 -8.57 -4.35 29.22
CA ASP A 209 -8.23 -3.58 30.42
C ASP A 209 -6.88 -4.01 30.97
N ASN A 210 -6.59 -5.30 30.86
CA ASN A 210 -5.29 -5.83 31.24
C ASN A 210 -4.63 -6.57 30.09
N PRO A 211 -3.93 -5.85 29.20
CA PRO A 211 -3.27 -6.47 28.05
C PRO A 211 -2.34 -7.60 28.49
N ALA A 212 -1.66 -7.41 29.62
CA ALA A 212 -0.76 -8.41 30.14
C ALA A 212 -1.52 -9.71 30.40
N ALA A 213 -2.71 -9.57 30.96
CA ALA A 213 -3.54 -10.72 31.30
C ALA A 213 -4.17 -11.32 30.06
N ALA A 214 -4.63 -10.47 29.15
CA ALA A 214 -5.27 -10.91 27.92
C ALA A 214 -4.30 -11.73 27.08
N ALA A 215 -3.06 -11.26 27.01
CA ALA A 215 -2.01 -11.99 26.32
C ALA A 215 -1.80 -13.33 27.00
N ALA A 216 -1.69 -13.29 28.33
CA ALA A 216 -1.43 -14.49 29.12
C ALA A 216 -2.49 -15.55 28.88
N GLY A 217 -3.75 -15.13 28.79
CA GLY A 217 -4.84 -16.04 28.56
C GLY A 217 -4.83 -16.62 27.15
N ALA A 218 -4.58 -15.76 26.17
CA ALA A 218 -4.49 -16.19 24.78
C ALA A 218 -3.41 -17.25 24.66
N ILE A 219 -2.29 -17.02 25.36
CA ILE A 219 -1.16 -17.93 25.35
C ILE A 219 -1.45 -19.24 26.09
N GLU A 220 -2.27 -19.17 27.13
CA GLU A 220 -2.66 -20.37 27.84
C GLU A 220 -3.56 -21.25 26.97
N SER A 221 -4.49 -20.62 26.27
CA SER A 221 -5.38 -21.37 25.39
C SER A 221 -4.59 -21.97 24.23
N ILE A 222 -3.43 -21.40 23.94
CA ILE A 222 -2.54 -21.94 22.92
C ILE A 222 -1.80 -23.16 23.47
N ARG B 5 -13.99 20.07 -16.90
CA ARG B 5 -15.18 19.88 -16.07
C ARG B 5 -15.05 20.61 -14.73
N VAL B 6 -16.03 21.44 -14.41
CA VAL B 6 -15.98 22.29 -13.23
C VAL B 6 -15.87 21.52 -11.91
N ASP B 7 -16.51 20.35 -11.85
CA ASP B 7 -16.67 19.62 -10.61
C ASP B 7 -15.52 18.67 -10.27
N VAL B 8 -14.51 18.63 -11.14
CA VAL B 8 -13.29 17.87 -10.84
C VAL B 8 -12.10 18.81 -10.86
N MET B 9 -10.98 18.37 -10.31
CA MET B 9 -9.84 19.23 -10.08
C MET B 9 -9.24 19.80 -11.36
N ASP B 10 -8.78 21.05 -11.29
CA ASP B 10 -8.05 21.67 -12.37
C ASP B 10 -6.57 21.45 -12.14
N VAL B 11 -5.92 20.77 -13.08
CA VAL B 11 -4.48 20.55 -13.01
C VAL B 11 -3.78 21.51 -13.96
N MET B 12 -2.89 22.35 -13.42
CA MET B 12 -2.25 23.35 -14.25
C MET B 12 -1.48 22.71 -15.40
N ASN B 13 -1.74 23.19 -16.62
CA ASN B 13 -1.05 22.69 -17.81
C ASN B 13 -1.25 21.20 -18.09
N ARG B 14 -2.18 20.57 -17.39
CA ARG B 14 -2.50 19.16 -17.63
C ARG B 14 -1.31 18.23 -17.38
N LEU B 15 -0.42 18.66 -16.50
CA LEU B 15 0.83 17.95 -16.26
C LEU B 15 1.02 17.73 -14.77
N ILE B 16 1.05 16.47 -14.33
CA ILE B 16 1.31 16.14 -12.94
C ILE B 16 2.74 15.67 -12.76
N LEU B 17 3.48 16.26 -11.84
CA LEU B 17 4.84 15.84 -11.58
C LEU B 17 4.84 14.61 -10.65
N ALA B 18 5.39 13.51 -11.13
CA ALA B 18 5.61 12.36 -10.28
C ALA B 18 6.94 12.53 -9.57
N MET B 19 6.88 13.05 -8.35
CA MET B 19 8.11 13.37 -7.62
C MET B 19 8.54 12.15 -6.84
N ASP B 20 9.29 11.28 -7.51
CA ASP B 20 9.64 9.97 -6.97
C ASP B 20 11.03 9.90 -6.32
N LEU B 21 11.73 11.03 -6.29
CA LEU B 21 12.99 11.11 -5.55
C LEU B 21 12.73 10.84 -4.07
N MET B 22 13.70 10.20 -3.41
CA MET B 22 13.49 9.71 -2.05
C MET B 22 14.15 10.51 -0.95
N ASN B 23 14.97 11.48 -1.31
CA ASN B 23 15.51 12.33 -0.26
C ASN B 23 14.91 13.73 -0.38
N ARG B 24 14.60 14.29 0.78
CA ARG B 24 13.89 15.56 0.87
C ARG B 24 14.56 16.72 0.16
N ASP B 25 15.89 16.83 0.30
CA ASP B 25 16.61 17.91 -0.36
C ASP B 25 16.43 17.87 -1.88
N ASP B 26 16.69 16.72 -2.48
CA ASP B 26 16.55 16.60 -3.93
C ASP B 26 15.10 16.84 -4.35
N ALA B 27 14.16 16.25 -3.61
CA ALA B 27 12.76 16.35 -3.99
C ALA B 27 12.29 17.79 -3.97
N LEU B 28 12.63 18.51 -2.90
CA LEU B 28 12.28 19.92 -2.82
C LEU B 28 13.05 20.77 -3.83
N ARG B 29 14.33 20.47 -4.03
CA ARG B 29 15.17 21.20 -4.99
C ARG B 29 14.62 21.06 -6.41
N VAL B 30 14.52 19.82 -6.89
CA VAL B 30 14.05 19.57 -8.25
C VAL B 30 12.63 20.12 -8.47
N THR B 31 11.77 20.01 -7.47
CA THR B 31 10.40 20.50 -7.57
C THR B 31 10.33 22.02 -7.66
N GLY B 32 10.99 22.70 -6.72
CA GLY B 32 10.93 24.15 -6.64
C GLY B 32 11.08 24.78 -8.00
N GLU B 33 12.06 24.26 -8.74
CA GLU B 33 12.35 24.74 -10.08
C GLU B 33 11.16 24.69 -11.05
N VAL B 34 10.11 23.94 -10.72
CA VAL B 34 9.05 23.75 -11.71
C VAL B 34 7.67 24.27 -11.35
N ARG B 35 7.53 24.84 -10.15
CA ARG B 35 6.20 25.25 -9.68
C ARG B 35 5.49 26.21 -10.63
N GLU B 36 6.26 26.91 -11.47
CA GLU B 36 5.68 27.82 -12.44
C GLU B 36 4.92 27.07 -13.52
N TYR B 37 5.31 25.81 -13.73
CA TYR B 37 4.76 24.99 -14.80
C TYR B 37 3.76 23.98 -14.29
N ILE B 38 3.92 23.59 -13.04
CA ILE B 38 3.11 22.52 -12.46
C ILE B 38 2.51 23.00 -11.16
N ASP B 39 1.25 22.67 -10.90
CA ASP B 39 0.66 22.97 -9.60
C ASP B 39 0.18 21.71 -8.86
N THR B 40 0.45 20.54 -9.45
CA THR B 40 -0.02 19.27 -8.91
C THR B 40 1.12 18.26 -8.90
N VAL B 41 1.44 17.74 -7.72
CA VAL B 41 2.57 16.84 -7.55
C VAL B 41 2.07 15.56 -6.92
N LYS B 42 2.53 14.43 -7.46
CA LYS B 42 2.21 13.12 -6.90
C LYS B 42 3.40 12.60 -6.09
N ILE B 43 3.17 12.21 -4.85
CA ILE B 43 4.19 11.75 -3.94
C ILE B 43 3.84 10.32 -3.53
N GLY B 44 4.85 9.46 -3.37
CA GLY B 44 4.60 8.08 -3.00
C GLY B 44 5.28 7.71 -1.69
N TYR B 45 5.16 6.44 -1.32
CA TYR B 45 5.74 5.96 -0.07
C TYR B 45 7.27 6.07 0.07
N PRO B 46 8.03 5.83 -1.01
CA PRO B 46 9.47 5.91 -0.74
C PRO B 46 9.89 7.26 -0.13
N LEU B 47 9.38 8.37 -0.67
CA LEU B 47 9.70 9.68 -0.08
C LEU B 47 9.11 9.85 1.32
N VAL B 48 7.82 9.57 1.49
CA VAL B 48 7.22 9.86 2.80
C VAL B 48 7.72 8.90 3.88
N LEU B 49 8.03 7.66 3.53
CA LEU B 49 8.58 6.74 4.52
C LEU B 49 10.00 7.13 4.91
N SER B 50 10.74 7.64 3.94
CA SER B 50 12.12 8.06 4.19
C SER B 50 12.23 9.37 4.96
N GLU B 51 11.33 10.31 4.69
CA GLU B 51 11.45 11.67 5.20
C GLU B 51 10.34 12.11 6.14
N GLY B 52 9.26 11.33 6.23
CA GLY B 52 8.16 11.68 7.10
C GLY B 52 6.99 12.31 6.36
N MET B 53 5.79 12.09 6.89
CA MET B 53 4.59 12.60 6.25
C MET B 53 4.51 14.11 6.32
N ASP B 54 5.31 14.71 7.19
CA ASP B 54 5.36 16.16 7.28
C ASP B 54 5.81 16.79 5.97
N ILE B 55 6.44 16.01 5.09
CA ILE B 55 6.88 16.54 3.82
C ILE B 55 5.70 16.95 2.91
N ILE B 56 4.52 16.38 3.16
CA ILE B 56 3.36 16.76 2.38
C ILE B 56 3.00 18.22 2.60
N ALA B 57 2.86 18.61 3.85
CA ALA B 57 2.55 20.00 4.18
C ALA B 57 3.67 20.92 3.69
N GLU B 58 4.90 20.44 3.73
CA GLU B 58 6.01 21.23 3.24
C GLU B 58 5.91 21.57 1.74
N PHE B 59 5.55 20.58 0.92
CA PHE B 59 5.33 20.85 -0.49
C PHE B 59 4.26 21.91 -0.69
N ARG B 60 3.11 21.73 -0.03
CA ARG B 60 2.00 22.61 -0.26
C ARG B 60 2.33 24.05 0.15
N LYS B 61 3.07 24.21 1.24
CA LYS B 61 3.43 25.54 1.73
C LYS B 61 4.55 26.18 0.90
N ARG B 62 5.53 25.41 0.49
CA ARG B 62 6.63 25.99 -0.25
C ARG B 62 6.28 26.26 -1.70
N PHE B 63 5.37 25.47 -2.25
CA PHE B 63 5.07 25.57 -3.67
C PHE B 63 3.61 25.93 -3.97
N GLY B 64 2.76 25.87 -2.95
CA GLY B 64 1.34 26.07 -3.15
C GLY B 64 0.70 25.02 -4.05
N CYS B 65 1.26 23.82 -4.05
CA CYS B 65 0.77 22.77 -4.95
C CYS B 65 -0.23 21.84 -4.29
N ARG B 66 -1.05 21.25 -5.14
CA ARG B 66 -1.92 20.15 -4.76
C ARG B 66 -1.04 18.92 -4.64
N ILE B 67 -1.32 18.09 -3.63
CA ILE B 67 -0.59 16.85 -3.44
C ILE B 67 -1.52 15.65 -3.60
N ILE B 68 -1.13 14.74 -4.50
CA ILE B 68 -1.77 13.44 -4.60
C ILE B 68 -0.87 12.39 -3.97
N ALA B 69 -1.39 11.69 -2.96
CA ALA B 69 -0.65 10.65 -2.27
C ALA B 69 -0.83 9.30 -3.00
N ASP B 70 0.21 8.86 -3.69
CA ASP B 70 0.16 7.63 -4.45
C ASP B 70 0.50 6.49 -3.50
N PHE B 71 -0.46 6.14 -2.65
CA PHE B 71 -0.24 5.17 -1.61
C PHE B 71 -0.82 3.80 -1.98
N LYS B 72 -1.48 3.74 -3.12
CA LYS B 72 -2.07 2.49 -3.58
C LYS B 72 -2.72 1.70 -2.45
N VAL B 73 -3.64 2.35 -1.75
CA VAL B 73 -4.24 1.80 -0.55
C VAL B 73 -4.92 0.45 -0.86
N ALA B 74 -4.62 -0.60 -0.09
CA ALA B 74 -5.04 -1.95 -0.47
C ALA B 74 -5.24 -2.84 0.74
N ASP B 75 -5.93 -2.31 1.73
CA ASP B 75 -6.19 -3.05 2.96
C ASP B 75 -7.68 -3.29 3.18
N ILE B 76 -8.02 -3.82 4.35
CA ILE B 76 -9.42 -4.02 4.72
C ILE B 76 -10.06 -2.67 4.98
N PRO B 77 -11.39 -2.60 4.99
CA PRO B 77 -12.02 -1.29 5.12
C PRO B 77 -11.57 -0.45 6.31
N GLU B 78 -11.52 -1.06 7.50
CA GLU B 78 -11.21 -0.28 8.69
C GLU B 78 -9.81 0.33 8.62
N THR B 79 -8.88 -0.46 8.10
CA THR B 79 -7.52 0.02 7.97
C THR B 79 -7.41 1.05 6.86
N ASN B 80 -8.12 0.83 5.75
CA ASN B 80 -8.14 1.86 4.70
C ASN B 80 -8.62 3.20 5.24
N GLU B 81 -9.67 3.16 6.06
N GLU B 81 -9.66 3.18 6.08
CA GLU B 81 -10.19 4.38 6.69
CA GLU B 81 -10.19 4.42 6.64
C GLU B 81 -9.06 5.12 7.35
C GLU B 81 -9.14 5.17 7.46
N LYS B 82 -8.34 4.42 8.21
CA LYS B 82 -7.30 5.02 9.02
C LYS B 82 -6.13 5.54 8.19
N ILE B 83 -5.77 4.82 7.13
CA ILE B 83 -4.71 5.28 6.26
C ILE B 83 -5.13 6.57 5.59
N CYS B 84 -6.37 6.60 5.09
CA CYS B 84 -6.84 7.81 4.44
C CYS B 84 -6.92 8.98 5.41
N ARG B 85 -7.43 8.71 6.61
CA ARG B 85 -7.55 9.79 7.59
C ARG B 85 -6.18 10.37 7.94
N ALA B 86 -5.19 9.52 8.17
CA ALA B 86 -3.86 10.01 8.50
C ALA B 86 -3.26 10.80 7.34
N THR B 87 -3.52 10.33 6.13
CA THR B 87 -2.96 10.95 4.96
C THR B 87 -3.58 12.33 4.67
N PHE B 88 -4.90 12.41 4.82
CA PHE B 88 -5.58 13.69 4.67
C PHE B 88 -5.23 14.66 5.80
N LYS B 89 -5.07 14.11 7.00
CA LYS B 89 -4.73 14.97 8.13
C LYS B 89 -3.37 15.62 7.85
N ALA B 90 -2.47 14.87 7.22
CA ALA B 90 -1.15 15.39 6.85
C ALA B 90 -1.22 16.41 5.72
N GLY B 91 -2.40 16.57 5.14
CA GLY B 91 -2.63 17.60 4.14
C GLY B 91 -2.79 17.15 2.69
N ALA B 92 -2.75 15.86 2.43
CA ALA B 92 -2.92 15.42 1.04
C ALA B 92 -4.27 15.86 0.50
N ASP B 93 -4.27 16.35 -0.74
CA ASP B 93 -5.52 16.75 -1.39
C ASP B 93 -6.27 15.52 -1.91
N ALA B 94 -5.53 14.47 -2.25
CA ALA B 94 -6.12 13.26 -2.82
C ALA B 94 -5.26 12.05 -2.51
N ILE B 95 -5.84 10.87 -2.66
CA ILE B 95 -5.15 9.62 -2.40
C ILE B 95 -5.53 8.61 -3.47
N ILE B 96 -4.57 7.80 -3.89
CA ILE B 96 -4.81 6.78 -4.92
C ILE B 96 -5.01 5.44 -4.21
N VAL B 97 -6.07 4.73 -4.61
N VAL B 97 -6.10 4.76 -4.53
CA VAL B 97 -6.58 3.56 -3.91
CA VAL B 97 -6.38 3.49 -3.92
C VAL B 97 -6.77 2.38 -4.89
C VAL B 97 -6.51 2.41 -4.97
N HIS B 98 -6.26 1.19 -4.55
CA HIS B 98 -6.49 -0.01 -5.38
C HIS B 98 -7.97 -0.41 -5.34
N GLY B 99 -8.46 -0.91 -6.47
CA GLY B 99 -9.77 -1.50 -6.52
C GLY B 99 -9.80 -3.02 -6.31
N PHE B 100 -8.68 -3.71 -6.45
CA PHE B 100 -8.65 -5.18 -6.40
CA PHE B 100 -8.75 -5.17 -6.42
C PHE B 100 -9.23 -5.73 -5.08
N PRO B 101 -9.00 -5.01 -3.96
CA PRO B 101 -9.59 -5.52 -2.71
C PRO B 101 -11.11 -5.35 -2.59
N GLY B 102 -11.76 -4.79 -3.61
CA GLY B 102 -13.21 -4.78 -3.63
C GLY B 102 -13.91 -3.51 -3.17
N ALA B 103 -15.25 -3.54 -3.21
CA ALA B 103 -16.04 -2.34 -3.09
C ALA B 103 -16.03 -1.74 -1.69
N ASP B 104 -16.08 -2.59 -0.67
CA ASP B 104 -16.15 -2.04 0.67
C ASP B 104 -14.84 -1.36 1.05
N SER B 105 -13.74 -1.89 0.54
CA SER B 105 -12.44 -1.29 0.80
C SER B 105 -12.35 0.08 0.11
N VAL B 106 -12.91 0.18 -1.09
CA VAL B 106 -12.93 1.47 -1.76
C VAL B 106 -13.87 2.46 -1.05
N ARG B 107 -15.04 1.97 -0.67
CA ARG B 107 -16.02 2.84 -0.04
C ARG B 107 -15.49 3.42 1.27
N ALA B 108 -14.70 2.64 2.00
CA ALA B 108 -14.12 3.15 3.24
C ALA B 108 -13.32 4.41 2.97
N CYS B 109 -12.61 4.43 1.84
CA CYS B 109 -11.81 5.58 1.46
C CYS B 109 -12.70 6.76 1.07
N LEU B 110 -13.71 6.47 0.26
CA LEU B 110 -14.65 7.50 -0.16
C LEU B 110 -15.32 8.14 1.04
N ASN B 111 -15.62 7.34 2.06
CA ASN B 111 -16.27 7.89 3.25
C ASN B 111 -15.41 8.96 3.91
N VAL B 112 -14.13 8.67 4.08
CA VAL B 112 -13.24 9.62 4.75
C VAL B 112 -13.00 10.83 3.88
N ALA B 113 -12.87 10.62 2.57
CA ALA B 113 -12.71 11.73 1.64
C ALA B 113 -13.89 12.70 1.69
N GLU B 114 -15.10 12.16 1.73
CA GLU B 114 -16.27 13.03 1.80
C GLU B 114 -16.31 13.82 3.11
N GLU B 115 -16.05 13.12 4.21
CA GLU B 115 -15.99 13.76 5.51
C GLU B 115 -14.99 14.91 5.54
N MET B 116 -13.81 14.69 4.95
CA MET B 116 -12.73 15.66 5.09
C MET B 116 -12.58 16.63 3.92
N GLY B 117 -13.45 16.49 2.92
CA GLY B 117 -13.42 17.34 1.74
C GLY B 117 -12.25 17.09 0.82
N ARG B 118 -11.86 15.83 0.69
CA ARG B 118 -10.72 15.47 -0.14
C ARG B 118 -11.14 14.50 -1.25
N GLU B 119 -10.19 13.98 -2.01
CA GLU B 119 -10.51 13.17 -3.18
C GLU B 119 -9.86 11.81 -3.20
N VAL B 120 -10.59 10.84 -3.73
CA VAL B 120 -10.07 9.51 -3.92
C VAL B 120 -9.91 9.26 -5.41
N PHE B 121 -8.73 8.78 -5.81
CA PHE B 121 -8.50 8.29 -7.17
C PHE B 121 -8.51 6.77 -7.16
N LEU B 122 -9.31 6.16 -8.03
CA LEU B 122 -9.32 4.70 -8.17
C LEU B 122 -8.31 4.25 -9.20
N LEU B 123 -7.38 3.39 -8.79
CA LEU B 123 -6.41 2.81 -9.71
C LEU B 123 -7.04 1.61 -10.38
N THR B 124 -7.29 1.72 -11.69
CA THR B 124 -8.06 0.70 -12.40
C THR B 124 -7.20 -0.41 -12.97
N GLU B 125 -5.92 -0.13 -13.17
CA GLU B 125 -5.05 -1.05 -13.88
C GLU B 125 -3.60 -0.60 -13.68
N MET B 126 -2.66 -1.49 -13.95
CA MET B 126 -1.24 -1.15 -13.89
C MET B 126 -0.55 -1.61 -15.17
N SER B 127 0.63 -1.07 -15.45
CA SER B 127 1.29 -1.28 -16.74
C SER B 127 2.56 -2.13 -16.71
N HIS B 128 3.00 -2.56 -15.54
CA HIS B 128 4.23 -3.35 -15.45
C HIS B 128 3.93 -4.79 -15.89
N PRO B 129 4.95 -5.54 -16.33
CA PRO B 129 4.67 -6.86 -16.93
C PRO B 129 3.81 -7.77 -16.06
N GLY B 130 4.08 -7.80 -14.76
CA GLY B 130 3.31 -8.65 -13.87
C GLY B 130 1.82 -8.37 -13.82
N ALA B 131 1.41 -7.20 -14.30
CA ALA B 131 0.01 -6.79 -14.26
C ALA B 131 -0.90 -7.70 -15.09
N GLU B 132 -0.30 -8.42 -16.04
CA GLU B 132 -1.08 -9.36 -16.85
C GLU B 132 -1.69 -10.50 -16.04
N MET B 133 -1.03 -10.89 -14.96
CA MET B 133 -1.44 -12.08 -14.22
C MET B 133 -2.85 -11.98 -13.65
N PHE B 134 -3.15 -10.86 -12.96
CA PHE B 134 -4.44 -10.71 -12.29
C PHE B 134 -5.10 -9.36 -12.55
N ILE B 135 -4.28 -8.30 -12.64
CA ILE B 135 -4.83 -6.96 -12.73
C ILE B 135 -5.49 -6.65 -14.07
N GLN B 136 -4.84 -7.01 -15.16
CA GLN B 136 -5.39 -6.72 -16.49
C GLN B 136 -6.81 -7.27 -16.64
N GLY B 137 -7.01 -8.52 -16.24
CA GLY B 137 -8.30 -9.16 -16.37
C GLY B 137 -9.39 -8.57 -15.50
N ALA B 138 -8.98 -7.85 -14.46
CA ALA B 138 -9.93 -7.24 -13.53
C ALA B 138 -10.23 -5.78 -13.83
N ALA B 139 -9.46 -5.19 -14.74
CA ALA B 139 -9.49 -3.75 -14.93
C ALA B 139 -10.87 -3.19 -15.29
N ASP B 140 -11.51 -3.76 -16.30
CA ASP B 140 -12.83 -3.25 -16.67
C ASP B 140 -13.83 -3.33 -15.52
N GLU B 141 -13.81 -4.44 -14.78
CA GLU B 141 -14.76 -4.63 -13.70
C GLU B 141 -14.45 -3.67 -12.55
N ILE B 142 -13.16 -3.41 -12.32
CA ILE B 142 -12.80 -2.43 -11.29
C ILE B 142 -13.26 -1.03 -11.68
N ALA B 143 -13.08 -0.65 -12.94
CA ALA B 143 -13.57 0.63 -13.39
C ALA B 143 -15.07 0.74 -13.21
N ARG B 144 -15.80 -0.32 -13.56
CA ARG B 144 -17.26 -0.31 -13.44
C ARG B 144 -17.66 -0.22 -11.97
N MET B 145 -16.91 -0.87 -11.12
CA MET B 145 -17.15 -0.80 -9.69
C MET B 145 -17.03 0.64 -9.22
N GLY B 146 -16.01 1.34 -9.69
CA GLY B 146 -15.83 2.74 -9.37
C GLY B 146 -17.01 3.59 -9.79
N VAL B 147 -17.44 3.41 -11.03
CA VAL B 147 -18.57 4.17 -11.53
C VAL B 147 -19.80 3.91 -10.67
N ASP B 148 -20.00 2.66 -10.27
CA ASP B 148 -21.20 2.30 -9.55
C ASP B 148 -21.23 2.90 -8.17
N LEU B 149 -20.04 3.22 -7.65
CA LEU B 149 -19.84 3.79 -6.31
C LEU B 149 -19.75 5.32 -6.36
N GLY B 150 -19.88 5.88 -7.55
CA GLY B 150 -19.75 7.32 -7.71
C GLY B 150 -18.34 7.88 -7.66
N VAL B 151 -17.33 7.05 -7.90
CA VAL B 151 -15.95 7.54 -8.01
C VAL B 151 -15.86 8.52 -9.17
N LYS B 152 -15.18 9.64 -8.96
CA LYS B 152 -15.05 10.68 -9.98
C LYS B 152 -13.63 10.85 -10.50
N ASN B 153 -12.67 10.15 -9.88
CA ASN B 153 -11.26 10.30 -10.26
C ASN B 153 -10.64 8.93 -10.45
N TYR B 154 -9.95 8.73 -11.58
CA TYR B 154 -9.37 7.46 -11.95
C TYR B 154 -7.92 7.61 -12.39
N VAL B 155 -7.13 6.58 -12.09
CA VAL B 155 -5.78 6.49 -12.63
C VAL B 155 -5.76 5.29 -13.58
N GLY B 156 -5.36 5.54 -14.83
CA GLY B 156 -5.34 4.52 -15.86
C GLY B 156 -3.96 3.98 -16.21
N PRO B 157 -3.90 3.07 -17.18
CA PRO B 157 -2.66 2.36 -17.55
C PRO B 157 -1.67 3.30 -18.22
N SER B 158 -0.38 3.12 -17.92
CA SER B 158 0.66 3.93 -18.55
C SER B 158 0.58 3.86 -20.07
N THR B 159 0.57 2.64 -20.60
CA THR B 159 0.61 2.43 -22.04
C THR B 159 -0.70 1.89 -22.64
N ARG B 160 -0.68 1.63 -23.94
CA ARG B 160 -1.85 1.19 -24.70
C ARG B 160 -2.95 2.25 -24.79
N PRO B 161 -2.85 3.13 -25.81
CA PRO B 161 -3.87 4.13 -26.12
C PRO B 161 -5.29 3.56 -26.08
N GLU B 162 -5.49 2.39 -26.69
CA GLU B 162 -6.81 1.79 -26.78
C GLU B 162 -7.37 1.35 -25.42
N ARG B 163 -6.50 1.19 -24.43
CA ARG B 163 -6.96 0.91 -23.07
C ARG B 163 -7.58 2.17 -22.46
N LEU B 164 -7.01 3.32 -22.77
CA LEU B 164 -7.56 4.58 -22.28
C LEU B 164 -8.94 4.85 -22.86
N SER B 165 -9.13 4.55 -24.13
CA SER B 165 -10.42 4.74 -24.78
C SER B 165 -11.46 3.87 -24.13
N ARG B 166 -11.08 2.64 -23.80
CA ARG B 166 -11.98 1.71 -23.15
C ARG B 166 -12.32 2.19 -21.75
N LEU B 167 -11.31 2.63 -21.00
CA LEU B 167 -11.54 3.15 -19.66
C LEU B 167 -12.45 4.36 -19.72
N ARG B 168 -12.16 5.25 -20.67
CA ARG B 168 -12.95 6.47 -20.81
C ARG B 168 -14.39 6.12 -21.15
N GLU B 169 -14.58 5.11 -21.98
CA GLU B 169 -15.91 4.63 -22.28
C GLU B 169 -16.65 4.18 -21.01
N ILE B 170 -15.97 3.42 -20.16
CA ILE B 170 -16.62 2.91 -18.96
C ILE B 170 -16.97 4.02 -17.98
N ILE B 171 -16.04 4.95 -17.77
CA ILE B 171 -16.19 5.93 -16.70
C ILE B 171 -17.01 7.15 -17.11
N GLY B 172 -17.21 7.29 -18.42
CA GLY B 172 -17.95 8.43 -18.93
C GLY B 172 -17.06 9.61 -19.26
N GLN B 173 -17.65 10.64 -19.85
CA GLN B 173 -16.89 11.77 -20.35
C GLN B 173 -16.60 12.83 -19.29
N ASP B 174 -17.26 12.75 -18.14
CA ASP B 174 -17.12 13.80 -17.13
C ASP B 174 -16.08 13.52 -16.05
N SER B 175 -15.92 12.25 -15.70
CA SER B 175 -14.96 11.89 -14.66
C SER B 175 -13.54 12.28 -15.03
N PHE B 176 -12.69 12.42 -14.01
CA PHE B 176 -11.32 12.85 -14.16
C PHE B 176 -10.40 11.64 -14.28
N LEU B 177 -9.60 11.63 -15.34
CA LEU B 177 -8.71 10.51 -15.60
C LEU B 177 -7.29 11.00 -15.77
N ILE B 178 -6.36 10.40 -15.03
CA ILE B 178 -4.95 10.71 -15.21
C ILE B 178 -4.18 9.46 -15.63
N SER B 179 -3.14 9.67 -16.42
N SER B 179 -3.15 9.63 -16.44
CA SER B 179 -2.33 8.59 -16.97
CA SER B 179 -2.31 8.49 -16.82
C SER B 179 -0.87 9.04 -17.14
C SER B 179 -0.93 8.97 -17.27
N PRO B 180 0.07 8.08 -17.21
CA PRO B 180 1.45 8.44 -17.54
C PRO B 180 1.69 8.89 -18.98
N GLY B 190 0.08 13.14 -25.79
CA GLY B 190 -0.26 13.42 -27.18
C GLY B 190 -1.60 12.79 -27.54
N GLU B 191 -1.55 11.51 -27.89
CA GLU B 191 -2.78 10.74 -28.05
C GLU B 191 -3.43 10.56 -26.69
N THR B 192 -2.60 10.54 -25.65
CA THR B 192 -3.08 10.29 -24.30
C THR B 192 -4.10 11.34 -23.83
N LEU B 193 -3.84 12.60 -24.15
CA LEU B 193 -4.71 13.69 -23.69
C LEU B 193 -6.02 13.81 -24.48
N ARG B 194 -6.21 12.90 -25.44
CA ARG B 194 -7.52 12.77 -26.08
C ARG B 194 -8.49 12.05 -25.14
N PHE B 195 -7.95 11.30 -24.18
CA PHE B 195 -8.77 10.50 -23.28
C PHE B 195 -8.56 10.89 -21.81
N ALA B 196 -7.31 11.09 -21.43
CA ALA B 196 -6.99 11.50 -20.07
C ALA B 196 -7.04 13.01 -19.93
N ASP B 197 -7.35 13.48 -18.73
CA ASP B 197 -7.43 14.91 -18.47
C ASP B 197 -6.08 15.51 -18.13
N ALA B 198 -5.18 14.69 -17.61
CA ALA B 198 -3.83 15.14 -17.32
C ALA B 198 -2.88 13.96 -17.45
N ILE B 199 -1.62 14.25 -17.74
CA ILE B 199 -0.59 13.23 -17.83
C ILE B 199 0.38 13.33 -16.69
N ILE B 200 0.89 12.19 -16.26
CA ILE B 200 1.85 12.11 -15.19
C ILE B 200 3.25 11.94 -15.79
N VAL B 201 4.17 12.81 -15.39
CA VAL B 201 5.54 12.75 -15.90
C VAL B 201 6.50 12.79 -14.73
N GLY B 202 7.47 11.89 -14.72
CA GLY B 202 8.40 11.81 -13.62
C GLY B 202 9.85 12.00 -14.06
N ARG B 203 10.49 10.88 -14.39
CA ARG B 203 11.91 10.85 -14.69
C ARG B 203 12.37 11.88 -15.73
N SER B 204 11.60 12.00 -16.82
CA SER B 204 11.90 12.96 -17.87
C SER B 204 12.22 14.33 -17.30
N ILE B 205 11.57 14.66 -16.19
CA ILE B 205 11.72 15.97 -15.59
C ILE B 205 12.68 15.95 -14.40
N TYR B 206 12.47 15.06 -13.45
CA TYR B 206 13.26 15.11 -12.23
C TYR B 206 14.69 14.56 -12.35
N LEU B 207 14.97 13.86 -13.44
CA LEU B 207 16.34 13.44 -13.71
C LEU B 207 16.95 14.24 -14.86
N ALA B 208 16.33 15.37 -15.18
CA ALA B 208 16.79 16.21 -16.27
C ALA B 208 17.87 17.17 -15.79
N ASP B 209 18.77 17.54 -16.71
CA ASP B 209 19.84 18.50 -16.40
C ASP B 209 19.26 19.78 -15.82
N ASN B 210 18.20 20.29 -16.44
CA ASN B 210 17.44 21.40 -15.87
C ASN B 210 15.94 21.13 -15.93
N PRO B 211 15.37 20.63 -14.83
CA PRO B 211 13.95 20.31 -14.72
C PRO B 211 13.06 21.48 -15.16
N ALA B 212 13.51 22.70 -14.89
CA ALA B 212 12.75 23.90 -15.23
C ALA B 212 12.46 23.94 -16.73
N ALA B 213 13.48 23.65 -17.52
CA ALA B 213 13.34 23.65 -18.97
C ALA B 213 12.64 22.39 -19.45
N ALA B 214 12.89 21.28 -18.76
CA ALA B 214 12.28 20.00 -19.12
C ALA B 214 10.77 20.08 -18.93
N ALA B 215 10.35 20.74 -17.87
CA ALA B 215 8.94 20.96 -17.60
C ALA B 215 8.34 21.83 -18.69
N ALA B 216 9.02 22.95 -18.98
CA ALA B 216 8.56 23.91 -19.97
C ALA B 216 8.40 23.26 -21.35
N GLY B 217 9.34 22.40 -21.71
CA GLY B 217 9.30 21.71 -22.98
C GLY B 217 8.14 20.73 -23.07
N ALA B 218 7.97 19.94 -22.02
CA ALA B 218 6.90 18.96 -21.97
C ALA B 218 5.55 19.65 -22.07
N ILE B 219 5.49 20.86 -21.51
CA ILE B 219 4.28 21.67 -21.54
C ILE B 219 4.01 22.24 -22.94
N GLU B 220 5.07 22.63 -23.65
CA GLU B 220 4.91 23.09 -25.02
C GLU B 220 4.29 21.99 -25.87
N SER B 221 4.78 20.77 -25.70
CA SER B 221 4.24 19.63 -26.42
C SER B 221 2.74 19.50 -26.20
N ILE B 222 2.28 19.90 -25.02
CA ILE B 222 0.86 19.83 -24.69
C ILE B 222 0.09 20.90 -25.46
N LYS B 223 -0.08 20.67 -26.76
CA LYS B 223 -0.79 21.59 -27.66
C LYS B 223 -0.21 23.00 -27.65
C1 GOL C . -4.16 -9.20 7.05
O1 GOL C . -4.47 -7.84 7.27
C2 GOL C . -3.12 -9.69 8.05
O2 GOL C . -3.55 -9.51 9.39
C3 GOL C . -1.83 -8.90 7.82
O3 GOL C . -1.62 -8.67 6.45
C1 GOL D . 9.07 -5.82 28.56
O1 GOL D . 8.19 -4.89 29.15
C2 GOL D . 9.93 -5.11 27.54
O2 GOL D . 10.07 -3.75 27.92
C3 GOL D . 11.30 -5.76 27.46
O3 GOL D . 12.01 -5.54 28.65
C1 GOL E . 2.95 -25.85 10.88
O1 GOL E . 1.62 -26.20 11.23
C2 GOL E . 3.33 -26.29 9.48
O2 GOL E . 2.90 -27.60 9.17
C3 GOL E . 4.82 -26.24 9.34
O3 GOL E . 5.21 -24.90 9.30
C1 GOL F . -11.18 14.57 -21.14
O1 GOL F . -10.59 13.98 -22.27
C2 GOL F . -12.48 13.88 -20.74
O2 GOL F . -13.27 13.47 -21.85
C3 GOL F . -13.32 14.81 -19.89
O3 GOL F . -12.86 14.75 -18.56
C1 GOL G . 0.71 4.28 -11.19
O1 GOL G . 1.89 4.06 -10.45
C2 GOL G . 0.41 5.78 -11.28
O2 GOL G . 1.53 6.52 -11.74
C3 GOL G . 0.02 6.27 -9.89
O3 GOL G . -0.73 5.27 -9.25
C1 GOL H . 8.12 28.12 -7.28
O1 GOL H . 9.50 27.80 -7.33
C2 GOL H . 7.81 28.73 -5.94
O2 GOL H . 8.44 27.98 -4.92
C3 GOL H . 6.31 28.74 -5.71
O3 GOL H . 6.04 29.30 -4.44
#